data_4UGJ
#
_entry.id   4UGJ
#
_cell.length_a   80.478
_cell.length_b   94.663
_cell.length_c   62.764
_cell.angle_alpha   90.00
_cell.angle_beta   90.00
_cell.angle_gamma   90.00
#
_symmetry.space_group_name_H-M   'P 21 21 2'
#
loop_
_entity.id
_entity.type
_entity.pdbx_description
1 polymer 'NITRIC OXIDE SYNTHASE OXYGENASE'
2 non-polymer 'PROTOPORPHYRIN IX CONTAINING FE'
3 non-polymer 5,6,7,8-TETRAHYDROBIOPTERIN
4 non-polymer 'CHLORIDE ION'
5 non-polymer 3-(2-(6-AMINO-4-METHYLPYRIDIN-2-YL)ETHYL)-5-(METHYL(2-(METHYLAMINO)ETHYL)AMINO)BENZONITRILE
6 water water
#
_entity_poly.entity_id   1
_entity_poly.type   'polypeptide(L)'
_entity_poly.pdbx_seq_one_letter_code
;MEEKEILWNEAKAFIAACYQELGKAAEVKDRLADIKSEIDLTGSYVHTKEELEHGAKMAWRNSNRCIGRLFWNSLNVIDR
RDVRTKEEVRDALFHHIETATNNGKIRPTITIFPPEEKGEKQVEIWNHQLIRYAGYESDGERIGDPASCSLTAACEELGW
RGERTDFDLLPLIFRMKGDEQPVWYELPRSLVIEVPITHPDIEAFSDLELKWYGVPIISDMKLEVGGIHYNAAPFNGWYM
GTEIGARNLADEKRYDKLKKVASVIGIAADYNTDLWKDQALVELNKAVLHSYKKQGVSIVDHHTAASQFKRFEEQAEEAG
RKLTGDWTWLIPPISPAATHIFHRSYDNSIVKPNYFYQDKPYE
;
_entity_poly.pdbx_strand_id   A
#
# COMPACT_ATOMS: atom_id res chain seq x y z
N GLU A 2 -25.60 10.77 -17.29
CA GLU A 2 -24.16 10.86 -17.51
C GLU A 2 -23.40 9.69 -16.87
N GLU A 3 -23.77 9.36 -15.64
CA GLU A 3 -23.07 8.34 -14.86
C GLU A 3 -23.12 6.97 -15.53
N LYS A 4 -24.27 6.62 -16.08
CA LYS A 4 -24.42 5.37 -16.83
C LYS A 4 -23.52 5.36 -18.05
N GLU A 5 -23.44 6.52 -18.71
CA GLU A 5 -22.61 6.64 -19.90
C GLU A 5 -21.13 6.53 -19.55
N ILE A 6 -20.72 7.10 -18.43
CA ILE A 6 -19.34 6.96 -17.99
C ILE A 6 -19.05 5.47 -17.75
N LEU A 7 -19.98 4.79 -17.08
CA LEU A 7 -19.79 3.37 -16.76
C LEU A 7 -19.58 2.55 -18.02
N TRP A 8 -20.47 2.75 -19.00
CA TRP A 8 -20.46 1.98 -20.23
C TRP A 8 -19.20 2.22 -21.04
N ASN A 9 -18.77 3.47 -21.11
CA ASN A 9 -17.56 3.82 -21.83
C ASN A 9 -16.32 3.18 -21.19
N GLU A 10 -16.24 3.24 -19.87
CA GLU A 10 -15.13 2.64 -19.14
C GLU A 10 -15.17 1.13 -19.31
N ALA A 11 -16.38 0.59 -19.35
CA ALA A 11 -16.59 -0.86 -19.44
C ALA A 11 -16.08 -1.39 -20.78
N LYS A 12 -16.51 -0.72 -21.86
CA LYS A 12 -16.05 -1.05 -23.21
C LYS A 12 -14.54 -1.01 -23.34
N ALA A 13 -13.91 0.02 -22.78
CA ALA A 13 -12.47 0.16 -22.92
C ALA A 13 -11.76 -0.96 -22.17
N PHE A 14 -12.24 -1.23 -20.96
CA PHE A 14 -11.60 -2.24 -20.11
C PHE A 14 -11.77 -3.66 -20.67
N ILE A 15 -13.00 -4.02 -21.05
CA ILE A 15 -13.25 -5.39 -21.50
C ILE A 15 -12.45 -5.69 -22.77
N ALA A 16 -12.46 -4.75 -23.70
CA ALA A 16 -11.66 -4.87 -24.91
C ALA A 16 -10.18 -5.13 -24.60
N ALA A 17 -9.60 -4.30 -23.75
CA ALA A 17 -8.18 -4.43 -23.42
C ALA A 17 -7.89 -5.68 -22.60
N CYS A 18 -8.76 -5.97 -21.62
CA CYS A 18 -8.54 -7.10 -20.74
C CYS A 18 -8.61 -8.41 -21.54
N TYR A 19 -9.61 -8.52 -22.39
CA TYR A 19 -9.82 -9.72 -23.18
C TYR A 19 -8.73 -9.90 -24.25
N GLN A 20 -8.17 -8.78 -24.76
CA GLN A 20 -7.04 -8.86 -25.71
C GLN A 20 -5.86 -9.50 -25.00
N GLU A 21 -5.59 -9.01 -23.81
CA GLU A 21 -4.46 -9.50 -23.02
C GLU A 21 -4.63 -10.97 -22.66
N LEU A 22 -5.88 -11.39 -22.47
CA LEU A 22 -6.17 -12.75 -22.03
C LEU A 22 -6.44 -13.69 -23.21
N GLY A 23 -6.19 -13.22 -24.43
CA GLY A 23 -6.46 -14.00 -25.63
C GLY A 23 -7.94 -14.30 -25.86
N LYS A 24 -8.80 -13.56 -25.16
CA LYS A 24 -10.25 -13.78 -25.19
C LYS A 24 -10.96 -12.84 -26.17
N ALA A 25 -10.21 -12.32 -27.15
CA ALA A 25 -10.69 -11.25 -28.02
C ALA A 25 -12.05 -11.48 -28.72
N ALA A 26 -12.32 -12.72 -29.11
CA ALA A 26 -13.58 -13.02 -29.80
C ALA A 26 -14.80 -12.96 -28.87
N GLU A 27 -14.56 -13.02 -27.57
CA GLU A 27 -15.64 -13.07 -26.60
C GLU A 27 -16.10 -11.66 -26.23
N VAL A 28 -15.36 -10.66 -26.69
CA VAL A 28 -15.64 -9.28 -26.35
C VAL A 28 -17.06 -8.86 -26.74
N LYS A 29 -17.43 -9.13 -27.98
CA LYS A 29 -18.71 -8.65 -28.51
C LYS A 29 -19.89 -9.12 -27.68
N ASP A 30 -19.95 -10.42 -27.39
CA ASP A 30 -21.03 -10.98 -26.58
C ASP A 30 -21.01 -10.47 -25.12
N ARG A 31 -19.82 -10.39 -24.54
CA ARG A 31 -19.69 -9.90 -23.17
C ARG A 31 -20.19 -8.45 -23.04
N LEU A 32 -19.86 -7.62 -24.02
CA LEU A 32 -20.25 -6.22 -23.98
C LEU A 32 -21.76 -6.05 -24.09
N ALA A 33 -22.39 -6.91 -24.88
CA ALA A 33 -23.85 -6.91 -25.02
C ALA A 33 -24.46 -7.23 -23.68
N ASP A 34 -23.96 -8.28 -23.05
CA ASP A 34 -24.46 -8.72 -21.75
C ASP A 34 -24.36 -7.58 -20.74
N ILE A 35 -23.19 -6.94 -20.72
CA ILE A 35 -22.92 -5.80 -19.85
C ILE A 35 -23.88 -4.65 -20.16
N LYS A 36 -24.08 -4.37 -21.44
CA LYS A 36 -24.94 -3.26 -21.85
C LYS A 36 -26.36 -3.44 -21.33
N SER A 37 -26.88 -4.67 -21.42
CA SER A 37 -28.21 -5.00 -20.92
C SER A 37 -28.24 -4.80 -19.41
N GLU A 38 -27.21 -5.34 -18.75
CA GLU A 38 -27.14 -5.32 -17.31
C GLU A 38 -27.06 -3.89 -16.76
N ILE A 39 -26.32 -3.02 -17.45
CA ILE A 39 -26.26 -1.61 -17.04
C ILE A 39 -27.64 -0.98 -17.21
N ASP A 40 -28.24 -1.17 -18.40
CA ASP A 40 -29.59 -0.71 -18.67
C ASP A 40 -30.59 -1.11 -17.58
N LEU A 41 -30.55 -2.38 -17.19
CA LEU A 41 -31.54 -2.93 -16.27
C LEU A 41 -31.23 -2.62 -14.80
N THR A 42 -29.96 -2.75 -14.42
CA THR A 42 -29.57 -2.69 -13.01
C THR A 42 -28.82 -1.41 -12.61
N GLY A 43 -28.37 -0.64 -13.59
CA GLY A 43 -27.58 0.55 -13.31
C GLY A 43 -26.11 0.24 -13.13
N SER A 44 -25.75 -1.03 -13.22
CA SER A 44 -24.36 -1.44 -13.05
C SER A 44 -24.10 -2.80 -13.69
N TYR A 45 -22.89 -3.33 -13.53
CA TYR A 45 -22.57 -4.67 -13.99
C TYR A 45 -21.57 -5.37 -13.07
N VAL A 46 -21.52 -6.69 -13.14
CA VAL A 46 -20.71 -7.48 -12.23
C VAL A 46 -19.56 -8.13 -12.98
N HIS A 47 -18.33 -7.90 -12.53
CA HIS A 47 -17.16 -8.52 -13.15
C HIS A 47 -17.12 -10.03 -12.94
N THR A 48 -16.68 -10.75 -13.97
CA THR A 48 -16.36 -12.16 -13.80
C THR A 48 -15.11 -12.23 -12.94
N LYS A 49 -14.81 -13.39 -12.37
CA LYS A 49 -13.64 -13.53 -11.52
C LYS A 49 -12.35 -13.23 -12.29
N GLU A 50 -12.32 -13.66 -13.55
CA GLU A 50 -11.19 -13.42 -14.43
C GLU A 50 -10.97 -11.92 -14.67
N GLU A 51 -12.07 -11.22 -14.93
CA GLU A 51 -12.03 -9.77 -15.13
C GLU A 51 -11.50 -9.05 -13.89
N LEU A 52 -12.01 -9.43 -12.73
CA LEU A 52 -11.65 -8.78 -11.46
C LEU A 52 -10.16 -8.99 -11.20
N GLU A 53 -9.71 -10.22 -11.36
CA GLU A 53 -8.31 -10.56 -11.11
C GLU A 53 -7.36 -9.81 -12.07
N HIS A 54 -7.62 -9.91 -13.37
CA HIS A 54 -6.77 -9.23 -14.32
C HIS A 54 -6.87 -7.71 -14.19
N GLY A 55 -8.06 -7.21 -13.85
CA GLY A 55 -8.26 -5.78 -13.57
C GLY A 55 -7.38 -5.28 -12.45
N ALA A 56 -7.31 -6.02 -11.35
CA ALA A 56 -6.48 -5.59 -10.21
C ALA A 56 -5.00 -5.61 -10.60
N LYS A 57 -4.63 -6.58 -11.43
CA LYS A 57 -3.25 -6.68 -11.88
C LYS A 57 -2.93 -5.53 -12.83
N MET A 58 -3.85 -5.19 -13.73
CA MET A 58 -3.62 -4.03 -14.62
C MET A 58 -3.48 -2.74 -13.81
N ALA A 59 -4.31 -2.62 -12.78
CA ALA A 59 -4.28 -1.44 -11.96
C ALA A 59 -2.91 -1.24 -11.31
N TRP A 60 -2.32 -2.34 -10.85
CA TRP A 60 -0.98 -2.28 -10.28
C TRP A 60 0.01 -1.88 -11.38
N ARG A 61 -0.11 -2.52 -12.53
CA ARG A 61 0.79 -2.25 -13.65
C ARG A 61 0.76 -0.77 -14.03
N ASN A 62 -0.37 -0.11 -13.76
CA ASN A 62 -0.55 1.28 -14.19
C ASN A 62 -0.26 2.28 -13.08
N SER A 63 0.16 1.80 -11.92
CA SER A 63 0.44 2.69 -10.79
C SER A 63 1.76 3.43 -10.98
N ASN A 64 1.64 4.65 -11.48
CA ASN A 64 2.80 5.47 -11.87
C ASN A 64 3.85 5.61 -10.77
N ARG A 65 3.42 5.60 -9.51
CA ARG A 65 4.34 5.91 -8.42
C ARG A 65 5.08 4.70 -7.87
N CYS A 66 4.78 3.52 -8.42
CA CYS A 66 5.30 2.29 -7.83
C CYS A 66 6.48 1.69 -8.59
N ILE A 67 7.59 1.51 -7.86
CA ILE A 67 8.83 1.02 -8.42
C ILE A 67 8.80 -0.50 -8.49
N GLY A 68 7.80 -1.12 -7.82
CA GLY A 68 7.79 -2.55 -7.68
C GLY A 68 7.00 -3.29 -8.76
N ARG A 69 6.66 -2.58 -9.83
CA ARG A 69 5.68 -3.11 -10.78
C ARG A 69 6.12 -4.29 -11.66
N LEU A 70 7.37 -4.69 -11.62
CA LEU A 70 7.82 -5.83 -12.43
C LEU A 70 6.92 -7.04 -12.16
N PHE A 71 6.48 -7.15 -10.91
CA PHE A 71 5.78 -8.36 -10.46
C PHE A 71 4.26 -8.29 -10.54
N TRP A 72 3.77 -7.35 -11.34
CA TRP A 72 2.32 -7.08 -11.43
C TRP A 72 1.49 -8.32 -11.74
N ASN A 73 2.02 -9.22 -12.56
CA ASN A 73 1.23 -10.35 -13.03
C ASN A 73 1.11 -11.46 -11.99
N SER A 74 1.86 -11.35 -10.90
CA SER A 74 1.78 -12.41 -9.89
C SER A 74 0.98 -12.01 -8.66
N LEU A 75 0.32 -10.84 -8.73
CA LEU A 75 -0.60 -10.42 -7.66
C LEU A 75 -1.59 -11.53 -7.29
N ASN A 76 -1.71 -11.81 -5.99
CA ASN A 76 -2.68 -12.78 -5.49
C ASN A 76 -4.00 -12.07 -5.19
N VAL A 77 -5.03 -12.35 -5.98
CA VAL A 77 -6.29 -11.61 -5.86
C VAL A 77 -7.32 -12.43 -5.09
N ILE A 78 -7.76 -11.90 -3.96
CA ILE A 78 -8.80 -12.57 -3.17
C ILE A 78 -10.15 -11.88 -3.35
N ASP A 79 -11.10 -12.61 -3.93
CA ASP A 79 -12.41 -12.05 -4.25
C ASP A 79 -13.36 -12.13 -3.05
N ARG A 80 -13.54 -11.02 -2.33
CA ARG A 80 -14.49 -11.03 -1.21
C ARG A 80 -15.74 -10.15 -1.45
N ARG A 81 -16.26 -10.19 -2.67
CA ARG A 81 -17.48 -9.44 -3.01
C ARG A 81 -18.70 -10.06 -2.35
N ASP A 82 -18.51 -11.22 -1.73
CA ASP A 82 -19.59 -11.94 -1.08
C ASP A 82 -19.84 -11.51 0.38
N VAL A 83 -18.97 -10.67 0.97
CA VAL A 83 -19.16 -10.33 2.39
C VAL A 83 -20.35 -9.41 2.59
N ARG A 84 -21.04 -9.59 3.70
CA ARG A 84 -22.23 -8.81 4.00
C ARG A 84 -22.24 -8.30 5.45
N THR A 85 -21.39 -8.88 6.30
CA THR A 85 -21.39 -8.55 7.73
C THR A 85 -20.03 -8.04 8.24
N LYS A 86 -20.04 -7.36 9.38
CA LYS A 86 -18.80 -6.79 9.87
C LYS A 86 -17.85 -7.90 10.37
N GLU A 87 -18.42 -9.00 10.87
CA GLU A 87 -17.57 -10.14 11.24
C GLU A 87 -16.88 -10.73 10.00
N GLU A 88 -17.59 -10.80 8.88
CA GLU A 88 -16.99 -11.30 7.65
C GLU A 88 -15.89 -10.37 7.16
N VAL A 89 -16.14 -9.06 7.24
CA VAL A 89 -15.11 -8.10 6.82
C VAL A 89 -13.89 -8.22 7.71
N ARG A 90 -14.11 -8.33 9.02
CA ARG A 90 -13.01 -8.42 9.98
C ARG A 90 -12.19 -9.66 9.71
N ASP A 91 -12.88 -10.79 9.55
CA ASP A 91 -12.18 -12.03 9.31
C ASP A 91 -11.45 -12.02 7.97
N ALA A 92 -12.02 -11.35 6.97
CA ALA A 92 -11.32 -11.23 5.67
C ALA A 92 -10.04 -10.40 5.81
N LEU A 93 -10.08 -9.39 6.67
CA LEU A 93 -8.91 -8.55 6.85
C LEU A 93 -7.84 -9.30 7.65
N PHE A 94 -8.27 -10.04 8.68
CA PHE A 94 -7.33 -10.88 9.43
C PHE A 94 -6.70 -11.89 8.49
N HIS A 95 -7.52 -12.51 7.64
CA HIS A 95 -7.02 -13.50 6.69
C HIS A 95 -5.99 -12.90 5.71
N HIS A 96 -6.28 -11.71 5.19
CA HIS A 96 -5.36 -11.03 4.30
C HIS A 96 -4.02 -10.86 5.00
N ILE A 97 -4.03 -10.35 6.22
CA ILE A 97 -2.77 -10.24 6.98
C ILE A 97 -2.02 -11.57 7.05
N GLU A 98 -2.73 -12.65 7.39
CA GLU A 98 -2.07 -13.93 7.57
C GLU A 98 -1.49 -14.45 6.25
N THR A 99 -2.28 -14.41 5.18
CA THR A 99 -1.82 -15.06 3.95
C THR A 99 -0.80 -14.18 3.24
N ALA A 100 -0.96 -12.86 3.34
CA ALA A 100 0.03 -11.95 2.74
C ALA A 100 1.35 -12.08 3.48
N THR A 101 1.27 -12.22 4.82
CA THR A 101 2.49 -12.31 5.63
C THR A 101 3.26 -13.60 5.31
N ASN A 102 2.52 -14.70 5.30
CA ASN A 102 3.06 -15.99 4.86
C ASN A 102 4.35 -16.36 5.59
N ASN A 103 4.35 -16.21 6.92
CA ASN A 103 5.52 -16.50 7.76
C ASN A 103 6.77 -15.72 7.42
N GLY A 104 6.60 -14.59 6.77
CA GLY A 104 7.72 -13.70 6.42
C GLY A 104 8.03 -13.69 4.93
N LYS A 105 7.66 -14.75 4.22
CA LYS A 105 7.88 -14.78 2.77
C LYS A 105 6.67 -14.11 2.11
N ILE A 106 6.67 -12.78 2.15
CA ILE A 106 5.50 -11.98 1.82
C ILE A 106 4.98 -12.25 0.42
N ARG A 107 3.65 -12.39 0.31
CA ARG A 107 2.96 -12.65 -0.94
C ARG A 107 2.16 -11.40 -1.29
N PRO A 108 2.46 -10.74 -2.44
CA PRO A 108 1.68 -9.56 -2.85
C PRO A 108 0.23 -9.96 -3.06
N THR A 109 -0.70 -9.32 -2.36
CA THR A 109 -2.08 -9.77 -2.27
C THR A 109 -3.03 -8.56 -2.27
N ILE A 110 -4.21 -8.73 -2.84
CA ILE A 110 -5.25 -7.73 -2.70
C ILE A 110 -6.55 -8.47 -2.33
N THR A 111 -7.33 -7.92 -1.40
CA THR A 111 -8.62 -8.53 -1.05
C THR A 111 -9.65 -7.51 -1.49
N ILE A 112 -10.58 -7.95 -2.32
CA ILE A 112 -11.53 -7.03 -2.94
C ILE A 112 -12.93 -7.18 -2.37
N PHE A 113 -13.42 -6.10 -1.73
CA PHE A 113 -14.73 -6.15 -1.09
C PHE A 113 -15.80 -5.67 -2.07
N PRO A 114 -17.10 -5.78 -1.71
CA PRO A 114 -18.12 -5.31 -2.65
C PRO A 114 -17.90 -3.83 -3.04
N PRO A 115 -18.15 -3.48 -4.32
CA PRO A 115 -17.89 -2.12 -4.79
C PRO A 115 -19.00 -1.14 -4.43
N GLU A 116 -18.72 0.16 -4.61
CA GLU A 116 -19.74 1.19 -4.45
C GLU A 116 -20.88 0.88 -5.39
N GLU A 117 -22.09 1.24 -4.97
CA GLU A 117 -23.28 0.98 -5.76
C GLU A 117 -23.72 2.27 -6.44
N LYS A 118 -24.37 3.16 -5.70
CA LYS A 118 -24.74 4.45 -6.26
C LYS A 118 -23.72 5.52 -5.86
N GLY A 119 -22.44 5.14 -5.83
CA GLY A 119 -21.45 5.94 -5.13
C GLY A 119 -21.60 5.70 -3.64
N GLU A 120 -22.52 4.80 -3.29
CA GLU A 120 -22.75 4.38 -1.91
C GLU A 120 -21.83 3.23 -1.56
N LYS A 121 -20.92 3.47 -0.62
CA LYS A 121 -20.00 2.43 -0.18
C LYS A 121 -20.75 1.32 0.58
N GLN A 122 -20.26 0.09 0.43
CA GLN A 122 -20.85 -1.02 1.15
C GLN A 122 -20.04 -1.23 2.43
N VAL A 123 -18.74 -1.00 2.30
CA VAL A 123 -17.79 -1.17 3.39
C VAL A 123 -16.84 0.00 3.25
N GLU A 124 -16.58 0.69 4.36
CA GLU A 124 -15.70 1.85 4.33
C GLU A 124 -14.55 1.62 5.31
N ILE A 125 -13.34 1.37 4.82
CA ILE A 125 -12.21 1.10 5.71
C ILE A 125 -11.53 2.41 6.13
N TRP A 126 -11.38 2.64 7.44
CA TRP A 126 -10.77 3.89 7.93
C TRP A 126 -9.25 3.83 8.03
N ASN A 127 -8.67 2.65 8.25
CA ASN A 127 -7.21 2.53 8.35
C ASN A 127 -6.50 3.00 7.10
N HIS A 128 -5.35 3.67 7.27
CA HIS A 128 -4.52 3.95 6.11
C HIS A 128 -3.80 2.68 5.63
N GLN A 129 -3.20 1.95 6.57
CA GLN A 129 -2.70 0.60 6.30
C GLN A 129 -3.33 -0.28 7.35
N LEU A 130 -3.51 -1.57 7.03
CA LEU A 130 -4.12 -2.48 7.97
C LEU A 130 -3.29 -2.58 9.26
N ILE A 131 -1.96 -2.56 9.10
CA ILE A 131 -1.06 -2.57 10.26
C ILE A 131 -0.33 -1.23 10.28
N ARG A 132 -0.52 -0.45 11.34
CA ARG A 132 0.16 0.84 11.47
C ARG A 132 0.20 1.25 12.94
N TYR A 133 1.17 2.10 13.31
CA TYR A 133 1.28 2.48 14.72
C TYR A 133 0.51 3.76 14.99
N ALA A 134 -0.01 3.88 16.20
CA ALA A 134 -0.79 5.02 16.63
C ALA A 134 0.12 6.21 16.90
N GLY A 135 -0.47 7.40 16.95
CA GLY A 135 0.29 8.60 17.27
C GLY A 135 -0.49 9.47 18.22
N TYR A 136 0.22 10.15 19.12
CA TYR A 136 -0.42 11.00 20.11
C TYR A 136 0.36 12.31 20.22
N GLU A 137 -0.36 13.40 20.48
CA GLU A 137 0.27 14.70 20.70
C GLU A 137 -0.66 15.42 21.64
N SER A 138 -0.14 15.76 22.82
CA SER A 138 -0.90 16.58 23.75
C SER A 138 0.10 17.26 24.65
N ASP A 139 -0.15 18.54 24.95
CA ASP A 139 0.71 19.26 25.89
C ASP A 139 2.19 19.09 25.53
N GLY A 140 2.54 19.41 24.28
CA GLY A 140 3.92 19.28 23.82
C GLY A 140 4.48 17.86 23.82
N GLU A 141 3.71 16.90 24.32
CA GLU A 141 4.16 15.52 24.45
C GLU A 141 3.81 14.71 23.20
N ARG A 142 4.84 14.19 22.52
CA ARG A 142 4.66 13.44 21.28
C ARG A 142 5.05 11.96 21.44
N ILE A 143 4.12 11.07 21.11
CA ILE A 143 4.35 9.63 21.26
C ILE A 143 3.96 8.96 19.96
N GLY A 144 4.77 8.01 19.50
CA GLY A 144 4.35 7.17 18.38
C GLY A 144 4.51 7.86 17.03
N ASP A 145 3.66 7.48 16.08
CA ASP A 145 3.75 7.97 14.69
C ASP A 145 2.86 9.20 14.48
N PRO A 146 3.48 10.39 14.34
CA PRO A 146 2.65 11.59 14.19
C PRO A 146 1.69 11.50 13.01
N ALA A 147 2.04 10.70 11.99
CA ALA A 147 1.16 10.60 10.83
C ALA A 147 -0.16 9.91 11.18
N SER A 148 -0.19 9.25 12.34
CA SER A 148 -1.41 8.54 12.78
C SER A 148 -2.26 9.30 13.79
N CYS A 149 -1.91 10.56 14.04
CA CYS A 149 -2.59 11.30 15.11
C CYS A 149 -4.08 11.46 14.90
N SER A 150 -4.48 11.83 13.69
CA SER A 150 -5.91 12.09 13.48
C SER A 150 -6.73 10.79 13.57
N LEU A 151 -6.23 9.72 12.94
CA LEU A 151 -6.94 8.43 13.03
C LEU A 151 -6.96 7.86 14.46
N THR A 152 -5.85 8.04 15.19
CA THR A 152 -5.76 7.61 16.58
C THR A 152 -6.79 8.33 17.43
N ALA A 153 -6.89 9.64 17.22
CA ALA A 153 -7.90 10.41 17.94
C ALA A 153 -9.32 9.91 17.61
N ALA A 154 -9.57 9.58 16.35
CA ALA A 154 -10.91 9.13 15.96
C ALA A 154 -11.20 7.79 16.62
N CYS A 155 -10.21 6.91 16.65
CA CYS A 155 -10.37 5.61 17.34
C CYS A 155 -10.67 5.79 18.81
N GLU A 156 -9.96 6.72 19.45
CA GLU A 156 -10.18 6.95 20.89
C GLU A 156 -11.53 7.61 21.17
N GLU A 157 -12.19 8.11 20.13
CA GLU A 157 -13.57 8.57 20.29
C GLU A 157 -14.51 7.39 20.39
N LEU A 158 -14.11 6.27 19.79
CA LEU A 158 -15.00 5.12 19.67
C LEU A 158 -14.83 4.09 20.77
N GLY A 159 -14.16 4.48 21.86
CA GLY A 159 -14.00 3.60 23.00
C GLY A 159 -12.69 2.82 23.04
N TRP A 160 -11.89 2.94 22.00
CA TRP A 160 -10.57 2.33 22.03
C TRP A 160 -9.63 3.23 22.87
N ARG A 161 -8.61 2.62 23.46
CA ARG A 161 -7.61 3.35 24.25
C ARG A 161 -6.25 2.75 23.93
N GLY A 162 -5.30 3.60 23.53
CA GLY A 162 -3.97 3.09 23.22
C GLY A 162 -3.15 3.10 24.49
N GLU A 163 -2.18 2.18 24.57
CA GLU A 163 -1.23 2.12 25.68
C GLU A 163 -0.21 3.27 25.71
N ARG A 164 -0.13 4.00 24.61
CA ARG A 164 0.81 5.14 24.50
C ARG A 164 2.27 4.76 24.61
N THR A 165 2.56 3.64 24.00
CA THR A 165 3.89 3.23 23.69
C THR A 165 4.18 3.94 22.33
N ASP A 166 5.43 3.92 21.87
CA ASP A 166 5.75 4.52 20.56
C ASP A 166 5.30 3.64 19.40
N PHE A 167 4.87 2.42 19.73
CA PHE A 167 4.53 1.42 18.72
C PHE A 167 3.20 0.71 19.06
N ASP A 168 2.17 1.48 19.42
CA ASP A 168 0.84 0.85 19.64
C ASP A 168 0.24 0.43 18.30
N LEU A 169 -0.24 -0.81 18.18
CA LEU A 169 -0.88 -1.18 16.92
C LEU A 169 -2.30 -0.63 16.92
N LEU A 170 -2.66 0.10 15.87
CA LEU A 170 -4.01 0.61 15.75
C LEU A 170 -4.94 -0.58 15.50
N PRO A 171 -6.19 -0.48 15.96
CA PRO A 171 -7.14 -1.54 15.70
C PRO A 171 -7.61 -1.37 14.25
N LEU A 172 -8.17 -2.43 13.69
CA LEU A 172 -8.83 -2.32 12.40
C LEU A 172 -10.06 -1.49 12.67
N ILE A 173 -10.38 -0.57 11.77
CA ILE A 173 -11.54 0.26 11.97
C ILE A 173 -12.22 0.50 10.63
N PHE A 174 -13.50 0.14 10.55
CA PHE A 174 -14.25 0.24 9.30
C PHE A 174 -15.75 0.40 9.56
N ARG A 175 -16.46 0.94 8.59
CA ARG A 175 -17.90 1.16 8.73
C ARG A 175 -18.66 0.41 7.67
N MET A 176 -19.78 -0.18 8.05
CA MET A 176 -20.68 -0.87 7.13
C MET A 176 -21.78 0.09 6.66
N LYS A 177 -22.21 -0.07 5.41
CA LYS A 177 -23.36 0.63 4.88
C LYS A 177 -24.53 0.45 5.84
N GLY A 178 -25.18 1.54 6.21
CA GLY A 178 -26.35 1.46 7.06
C GLY A 178 -26.02 1.72 8.51
N ASP A 179 -24.74 1.61 8.86
CA ASP A 179 -24.28 1.91 10.21
C ASP A 179 -23.83 3.36 10.26
N GLU A 180 -24.12 4.02 11.38
CA GLU A 180 -23.69 5.39 11.57
C GLU A 180 -22.23 5.50 12.03
N GLN A 181 -21.78 4.58 12.89
CA GLN A 181 -20.40 4.60 13.37
C GLN A 181 -19.61 3.41 12.85
N PRO A 182 -18.28 3.57 12.68
CA PRO A 182 -17.48 2.39 12.32
C PRO A 182 -17.38 1.46 13.54
N VAL A 183 -16.96 0.21 13.33
CA VAL A 183 -16.62 -0.64 14.45
C VAL A 183 -15.11 -0.76 14.50
N TRP A 184 -14.55 -1.18 15.62
CA TRP A 184 -13.11 -1.45 15.66
C TRP A 184 -12.80 -2.80 16.30
N TYR A 185 -11.71 -3.42 15.85
CA TYR A 185 -11.25 -4.69 16.42
C TYR A 185 -9.74 -4.65 16.59
N GLU A 186 -9.28 -5.03 17.78
CA GLU A 186 -7.85 -5.10 18.09
C GLU A 186 -7.21 -6.17 17.21
N LEU A 187 -6.00 -5.90 16.67
CA LEU A 187 -5.30 -6.92 15.89
C LEU A 187 -4.74 -8.01 16.79
N PRO A 188 -4.99 -9.28 16.46
CA PRO A 188 -4.34 -10.36 17.21
C PRO A 188 -2.82 -10.29 17.02
N ARG A 189 -2.06 -10.22 18.10
CA ARG A 189 -0.63 -9.99 17.95
C ARG A 189 0.06 -11.14 17.20
N SER A 190 -0.45 -12.36 17.34
CA SER A 190 0.07 -13.53 16.61
C SER A 190 0.05 -13.35 15.09
N LEU A 191 -0.80 -12.46 14.58
CA LEU A 191 -0.90 -12.22 13.14
C LEU A 191 0.13 -11.21 12.63
N VAL A 192 0.69 -10.43 13.55
CA VAL A 192 1.46 -9.25 13.16
C VAL A 192 2.95 -9.46 13.35
N ILE A 193 3.69 -9.64 12.26
CA ILE A 193 5.13 -9.79 12.38
C ILE A 193 5.79 -8.42 12.52
N GLU A 194 6.69 -8.28 13.49
CA GLU A 194 7.47 -7.05 13.63
C GLU A 194 8.94 -7.41 13.62
N VAL A 195 9.77 -6.45 13.22
CA VAL A 195 11.20 -6.68 13.12
C VAL A 195 11.94 -5.67 14.01
N PRO A 196 12.69 -6.17 15.02
CA PRO A 196 13.54 -5.25 15.77
C PRO A 196 14.68 -4.75 14.89
N ILE A 197 15.04 -3.47 14.97
CA ILE A 197 16.10 -2.95 14.12
C ILE A 197 17.44 -3.08 14.83
N THR A 198 18.36 -3.84 14.25
CA THR A 198 19.72 -3.92 14.74
C THR A 198 20.66 -3.64 13.58
N HIS A 199 21.93 -3.40 13.86
CA HIS A 199 22.87 -3.05 12.80
C HIS A 199 23.87 -4.20 12.67
N PRO A 200 24.38 -4.45 11.45
CA PRO A 200 25.28 -5.60 11.31
C PRO A 200 26.59 -5.49 12.13
N ASP A 201 27.10 -4.29 12.36
CA ASP A 201 28.43 -4.10 12.95
C ASP A 201 28.44 -3.26 14.23
N ILE A 202 27.38 -2.48 14.42
CA ILE A 202 27.33 -1.51 15.51
C ILE A 202 26.36 -2.01 16.57
N GLU A 203 26.90 -2.55 17.65
CA GLU A 203 26.09 -3.26 18.62
C GLU A 203 25.17 -2.30 19.36
N ALA A 204 25.62 -1.06 19.51
CA ALA A 204 24.86 -0.05 20.25
C ALA A 204 23.54 0.30 19.57
N PHE A 205 23.39 -0.06 18.29
CA PHE A 205 22.24 0.38 17.54
C PHE A 205 20.94 -0.13 18.19
N SER A 206 21.02 -1.26 18.87
CA SER A 206 19.84 -1.83 19.53
C SER A 206 19.39 -0.96 20.70
N ASP A 207 20.26 -0.06 21.18
CA ASP A 207 19.90 0.84 22.27
C ASP A 207 18.76 1.79 21.88
N LEU A 208 18.57 2.01 20.57
CA LEU A 208 17.51 2.89 20.09
C LEU A 208 16.13 2.24 20.23
N GLU A 209 16.11 0.93 20.44
CA GLU A 209 14.88 0.16 20.57
C GLU A 209 13.87 0.46 19.46
N LEU A 210 14.37 0.53 18.22
CA LEU A 210 13.50 0.72 17.06
C LEU A 210 12.96 -0.62 16.60
N LYS A 211 11.77 -0.60 16.01
CA LYS A 211 11.22 -1.76 15.32
C LYS A 211 10.29 -1.24 14.24
N TRP A 212 9.88 -2.10 13.34
CA TRP A 212 8.88 -1.74 12.35
C TRP A 212 8.09 -3.00 12.02
N TYR A 213 6.94 -2.83 11.36
CA TYR A 213 6.11 -4.00 11.09
C TYR A 213 6.49 -4.59 9.73
N GLY A 214 6.20 -5.86 9.55
CA GLY A 214 6.72 -6.55 8.38
C GLY A 214 6.05 -6.19 7.07
N VAL A 215 4.74 -5.95 7.10
CA VAL A 215 3.96 -5.91 5.87
C VAL A 215 3.17 -4.63 5.71
N PRO A 216 3.47 -3.84 4.67
CA PRO A 216 2.72 -2.59 4.42
C PRO A 216 1.47 -2.90 3.63
N ILE A 217 0.29 -2.69 4.20
CA ILE A 217 -0.96 -3.10 3.54
C ILE A 217 -1.86 -1.88 3.37
N ILE A 218 -1.79 -1.23 2.22
CA ILE A 218 -2.50 0.04 1.95
C ILE A 218 -4.00 -0.26 1.86
N SER A 219 -4.79 0.39 2.72
CA SER A 219 -6.18 -0.03 2.86
C SER A 219 -7.16 1.10 2.66
N ASP A 220 -6.68 2.23 2.16
CA ASP A 220 -7.58 3.36 1.96
C ASP A 220 -7.60 3.91 0.53
N MET A 221 -7.13 3.11 -0.43
CA MET A 221 -7.23 3.56 -1.81
C MET A 221 -8.35 2.83 -2.55
N LYS A 222 -8.86 3.49 -3.58
CA LYS A 222 -9.92 2.91 -4.39
C LYS A 222 -9.35 2.22 -5.62
N LEU A 223 -9.70 0.95 -5.81
CA LEU A 223 -9.41 0.24 -7.07
C LEU A 223 -10.52 0.54 -8.06
N GLU A 224 -10.18 1.13 -9.20
CA GLU A 224 -11.17 1.35 -10.24
C GLU A 224 -10.91 0.43 -11.44
N VAL A 225 -11.92 -0.36 -11.82
CA VAL A 225 -11.79 -1.31 -12.92
C VAL A 225 -13.01 -1.25 -13.82
N GLY A 226 -12.84 -0.85 -15.07
CA GLY A 226 -13.97 -0.83 -16.01
C GLY A 226 -15.17 -0.03 -15.51
N GLY A 227 -14.89 1.05 -14.79
CA GLY A 227 -15.95 1.91 -14.29
C GLY A 227 -16.60 1.47 -12.98
N ILE A 228 -16.13 0.36 -12.42
CA ILE A 228 -16.63 -0.09 -11.13
C ILE A 228 -15.66 0.38 -10.05
N HIS A 229 -16.20 0.95 -8.97
CA HIS A 229 -15.38 1.60 -7.95
C HIS A 229 -15.29 0.75 -6.70
N TYR A 230 -14.17 0.05 -6.55
CA TYR A 230 -13.94 -0.78 -5.38
C TYR A 230 -13.19 0.06 -4.36
N ASN A 231 -13.94 0.83 -3.56
CA ASN A 231 -13.31 1.73 -2.59
C ASN A 231 -12.63 0.96 -1.48
N ALA A 232 -13.08 -0.28 -1.25
CA ALA A 232 -12.48 -1.11 -0.21
C ALA A 232 -11.78 -2.30 -0.85
N ALA A 233 -10.45 -2.22 -0.92
CA ALA A 233 -9.69 -3.22 -1.63
C ALA A 233 -8.25 -3.15 -1.20
N PRO A 234 -7.99 -3.58 0.05
CA PRO A 234 -6.62 -3.42 0.57
C PRO A 234 -5.60 -4.31 -0.17
N PHE A 235 -4.39 -3.77 -0.37
CA PHE A 235 -3.35 -4.51 -1.09
C PHE A 235 -1.97 -4.32 -0.42
N ASN A 236 -1.07 -5.27 -0.67
CA ASN A 236 0.25 -5.17 -0.09
C ASN A 236 1.31 -5.73 -1.04
N GLY A 237 2.53 -5.22 -0.88
CA GLY A 237 3.71 -5.84 -1.46
C GLY A 237 4.61 -6.12 -0.27
N TRP A 238 5.91 -6.13 -0.50
CA TRP A 238 6.89 -6.07 0.58
C TRP A 238 7.51 -4.67 0.54
N TYR A 239 8.19 -4.30 1.61
CA TYR A 239 8.80 -2.97 1.69
C TYR A 239 10.05 -2.87 0.84
N MET A 240 10.27 -1.66 0.31
CA MET A 240 11.62 -1.24 -0.09
C MET A 240 12.22 -0.57 1.15
N GLY A 241 13.46 -0.93 1.48
CA GLY A 241 14.03 -0.56 2.77
C GLY A 241 13.99 0.96 3.04
N THR A 242 14.22 1.77 2.01
CA THR A 242 14.17 3.23 2.18
C THR A 242 12.84 3.75 2.74
N GLU A 243 11.74 3.03 2.47
CA GLU A 243 10.44 3.53 2.96
C GLU A 243 10.45 3.59 4.47
N ILE A 244 11.19 2.64 5.06
CA ILE A 244 11.28 2.55 6.51
C ILE A 244 12.44 3.41 7.03
N GLY A 245 13.61 3.22 6.43
CA GLY A 245 14.82 3.85 6.95
C GLY A 245 15.04 5.31 6.57
N ALA A 246 14.51 5.73 5.43
CA ALA A 246 14.74 7.09 4.96
C ALA A 246 13.53 7.97 5.19
N ARG A 247 12.39 7.35 5.50
CA ARG A 247 11.16 8.12 5.65
C ARG A 247 10.42 7.86 6.97
N ASN A 248 9.89 6.65 7.18
CA ASN A 248 9.13 6.38 8.38
C ASN A 248 9.92 6.65 9.66
N LEU A 249 11.18 6.21 9.69
CA LEU A 249 11.97 6.39 10.92
C LEU A 249 12.78 7.69 10.92
N ALA A 250 12.93 8.30 9.74
CA ALA A 250 13.79 9.49 9.55
C ALA A 250 13.14 10.86 9.44
N ASP A 251 11.96 10.94 8.83
CA ASP A 251 11.36 12.25 8.60
C ASP A 251 11.13 12.96 9.93
N GLU A 252 11.35 14.27 9.94
CA GLU A 252 11.10 15.05 11.16
C GLU A 252 9.66 14.96 11.62
N LYS A 253 8.75 14.79 10.67
CA LYS A 253 7.33 14.69 11.01
C LYS A 253 6.88 13.23 11.16
N ARG A 254 7.83 12.29 11.12
CA ARG A 254 7.53 10.92 11.50
C ARG A 254 8.30 10.59 12.79
N TYR A 255 9.04 9.49 12.81
CA TYR A 255 9.78 9.13 14.01
C TYR A 255 11.03 9.98 14.29
N ASP A 256 11.55 10.67 13.27
CA ASP A 256 12.57 11.71 13.51
C ASP A 256 13.81 11.19 14.27
N LYS A 257 14.37 10.07 13.83
CA LYS A 257 15.43 9.41 14.60
C LYS A 257 16.87 9.73 14.20
N LEU A 258 17.09 10.62 13.24
CA LEU A 258 18.46 10.79 12.74
C LEU A 258 19.47 11.25 13.81
N LYS A 259 19.08 12.17 14.69
CA LYS A 259 20.01 12.63 15.72
C LYS A 259 20.39 11.50 16.67
N LYS A 260 19.42 10.67 17.04
CA LYS A 260 19.72 9.52 17.88
C LYS A 260 20.57 8.49 17.14
N VAL A 261 20.32 8.32 15.84
CA VAL A 261 21.13 7.40 15.07
C VAL A 261 22.59 7.91 15.03
N ALA A 262 22.76 9.21 14.82
CA ALA A 262 24.10 9.78 14.78
C ALA A 262 24.83 9.48 16.10
N SER A 263 24.13 9.66 17.20
CA SER A 263 24.77 9.42 18.48
C SER A 263 25.22 7.97 18.67
N VAL A 264 24.37 7.00 18.35
CA VAL A 264 24.77 5.60 18.56
C VAL A 264 25.83 5.11 17.58
N ILE A 265 25.95 5.74 16.43
CA ILE A 265 27.01 5.34 15.50
C ILE A 265 28.29 6.12 15.75
N GLY A 266 28.26 7.00 16.74
CA GLY A 266 29.47 7.65 17.22
C GLY A 266 29.94 8.85 16.41
N ILE A 267 29.02 9.53 15.72
CA ILE A 267 29.42 10.75 14.99
C ILE A 267 28.70 11.98 15.55
N ALA A 268 29.36 13.14 15.44
CA ALA A 268 28.80 14.41 15.88
C ALA A 268 27.64 14.81 14.97
N ALA A 269 26.64 15.49 15.53
CA ALA A 269 25.49 15.94 14.74
C ALA A 269 25.42 17.45 14.82
N ASP A 270 26.56 18.09 14.58
CA ASP A 270 26.74 19.53 14.86
C ASP A 270 26.87 20.38 13.58
N TYR A 271 27.44 19.82 12.52
CA TYR A 271 27.83 20.65 11.36
C TYR A 271 27.25 20.10 10.08
N ASN A 272 26.59 20.95 9.29
CA ASN A 272 25.99 20.44 8.05
C ASN A 272 27.07 19.84 7.16
N THR A 273 28.25 20.46 7.16
CA THR A 273 29.33 20.03 6.28
C THR A 273 29.91 18.67 6.62
N ASP A 274 29.57 18.13 7.80
CA ASP A 274 30.01 16.77 8.14
C ASP A 274 29.13 15.71 7.49
N LEU A 275 28.02 16.15 6.88
CA LEU A 275 27.04 15.25 6.29
C LEU A 275 26.63 14.15 7.28
N TRP A 276 26.41 14.54 8.54
CA TRP A 276 26.03 13.55 9.54
C TRP A 276 24.63 13.01 9.28
N LYS A 277 23.75 13.84 8.71
CA LYS A 277 22.42 13.30 8.40
C LYS A 277 22.51 12.22 7.32
N ASP A 278 23.34 12.50 6.34
CA ASP A 278 23.50 11.55 5.23
C ASP A 278 24.10 10.23 5.71
N GLN A 279 25.13 10.33 6.56
CA GLN A 279 25.78 9.14 7.11
C GLN A 279 24.83 8.37 8.00
N ALA A 280 24.14 9.08 8.87
CA ALA A 280 23.11 8.44 9.70
C ALA A 280 22.03 7.75 8.85
N LEU A 281 21.56 8.43 7.81
CA LEU A 281 20.61 7.77 6.89
C LEU A 281 21.12 6.47 6.28
N VAL A 282 22.36 6.45 5.85
CA VAL A 282 22.93 5.24 5.28
C VAL A 282 22.99 4.11 6.31
N GLU A 283 23.46 4.40 7.53
CA GLU A 283 23.57 3.34 8.53
C GLU A 283 22.21 2.85 8.95
N LEU A 284 21.26 3.76 9.16
CA LEU A 284 19.88 3.35 9.50
C LEU A 284 19.30 2.46 8.41
N ASN A 285 19.55 2.83 7.15
CA ASN A 285 19.02 2.04 6.05
C ASN A 285 19.70 0.68 5.90
N LYS A 286 20.99 0.61 6.25
CA LYS A 286 21.69 -0.66 6.26
C LYS A 286 21.11 -1.54 7.35
N ALA A 287 20.80 -0.91 8.49
CA ALA A 287 20.24 -1.64 9.62
C ALA A 287 18.88 -2.21 9.30
N VAL A 288 18.03 -1.41 8.63
CA VAL A 288 16.70 -1.91 8.26
C VAL A 288 16.79 -3.16 7.36
N LEU A 289 17.63 -3.09 6.34
CA LEU A 289 17.74 -4.26 5.45
C LEU A 289 18.30 -5.48 6.15
N HIS A 290 19.35 -5.25 6.92
CA HIS A 290 19.97 -6.32 7.68
C HIS A 290 18.95 -7.02 8.61
N SER A 291 18.13 -6.21 9.26
CA SER A 291 17.24 -6.74 10.28
C SER A 291 16.11 -7.56 9.68
N TYR A 292 15.53 -7.06 8.59
CA TYR A 292 14.47 -7.80 7.90
C TYR A 292 15.01 -9.11 7.34
N LYS A 293 16.21 -9.05 6.74
CA LYS A 293 16.86 -10.25 6.21
C LYS A 293 17.13 -11.26 7.33
N LYS A 294 17.65 -10.78 8.45
CA LYS A 294 17.98 -11.68 9.55
C LYS A 294 16.75 -12.41 10.09
N GLN A 295 15.60 -11.73 10.09
CA GLN A 295 14.38 -12.33 10.59
C GLN A 295 13.60 -13.13 9.54
N GLY A 296 14.06 -13.14 8.30
CA GLY A 296 13.36 -13.92 7.28
C GLY A 296 12.07 -13.26 6.82
N VAL A 297 12.07 -11.94 6.82
CA VAL A 297 10.94 -11.16 6.31
C VAL A 297 11.34 -10.48 5.00
N SER A 298 10.55 -10.68 3.94
CA SER A 298 10.89 -10.11 2.63
C SER A 298 11.08 -8.59 2.67
N ILE A 299 12.06 -8.11 1.89
CA ILE A 299 12.32 -6.67 1.77
C ILE A 299 13.19 -6.55 0.53
N VAL A 300 13.22 -5.38 -0.11
CA VAL A 300 14.12 -5.15 -1.25
C VAL A 300 14.86 -3.83 -1.00
N ASP A 301 16.12 -3.77 -1.42
CA ASP A 301 16.85 -2.52 -1.34
C ASP A 301 16.58 -1.71 -2.60
N HIS A 302 16.88 -0.39 -2.57
CA HIS A 302 16.45 0.46 -3.66
C HIS A 302 17.24 0.19 -4.95
N HIS A 303 18.46 -0.33 -4.81
CA HIS A 303 19.25 -0.65 -6.03
C HIS A 303 18.63 -1.83 -6.77
N THR A 304 18.35 -2.90 -6.04
CA THR A 304 17.74 -4.08 -6.64
C THR A 304 16.36 -3.73 -7.18
N ALA A 305 15.61 -2.96 -6.40
CA ALA A 305 14.29 -2.50 -6.86
C ALA A 305 14.34 -1.72 -8.16
N ALA A 306 15.31 -0.81 -8.29
CA ALA A 306 15.44 -0.05 -9.52
C ALA A 306 15.84 -0.95 -10.66
N SER A 307 16.68 -1.94 -10.37
CA SER A 307 17.07 -2.91 -11.43
C SER A 307 15.87 -3.70 -11.90
N GLN A 308 15.00 -4.08 -10.97
CA GLN A 308 13.78 -4.76 -11.34
C GLN A 308 12.89 -3.82 -12.15
N PHE A 309 12.83 -2.55 -11.77
CA PHE A 309 11.99 -1.61 -12.49
C PHE A 309 12.49 -1.42 -13.93
N LYS A 310 13.81 -1.41 -14.12
CA LYS A 310 14.38 -1.36 -15.47
C LYS A 310 13.85 -2.54 -16.26
N ARG A 311 13.77 -3.72 -15.64
CA ARG A 311 13.24 -4.87 -16.38
C ARG A 311 11.75 -4.66 -16.73
N PHE A 312 10.99 -4.08 -15.81
CA PHE A 312 9.59 -3.71 -16.10
C PHE A 312 9.48 -2.78 -17.32
N GLU A 313 10.34 -1.76 -17.38
CA GLU A 313 10.40 -0.88 -18.55
C GLU A 313 10.65 -1.65 -19.83
N GLU A 314 11.64 -2.55 -19.79
CA GLU A 314 11.98 -3.36 -20.97
C GLU A 314 10.84 -4.29 -21.37
N GLN A 315 10.23 -4.93 -20.38
CA GLN A 315 9.07 -5.79 -20.63
C GLN A 315 7.90 -5.00 -21.24
N ALA A 316 7.62 -3.80 -20.72
CA ALA A 316 6.55 -2.97 -21.30
C ALA A 316 6.81 -2.69 -22.78
N GLU A 317 8.01 -2.24 -23.09
CA GLU A 317 8.39 -1.96 -24.46
C GLU A 317 8.21 -3.18 -25.34
N GLU A 318 8.70 -4.31 -24.87
CA GLU A 318 8.70 -5.51 -25.69
C GLU A 318 7.28 -6.02 -25.95
N ALA A 319 6.37 -5.73 -25.02
CA ALA A 319 4.97 -6.09 -25.16
C ALA A 319 4.16 -5.04 -25.91
N GLY A 320 4.83 -3.97 -26.33
CA GLY A 320 4.15 -2.91 -27.05
C GLY A 320 3.26 -2.00 -26.19
N ARG A 321 3.43 -2.04 -24.87
CA ARG A 321 2.68 -1.13 -23.98
C ARG A 321 3.44 0.14 -23.65
N LYS A 322 2.74 1.27 -23.70
CA LYS A 322 3.30 2.52 -23.24
C LYS A 322 3.59 2.41 -21.76
N LEU A 323 4.73 2.95 -21.35
CA LEU A 323 5.09 2.98 -19.94
C LEU A 323 4.66 4.31 -19.34
N THR A 324 4.03 4.30 -18.17
CA THR A 324 3.81 5.54 -17.46
C THR A 324 4.47 5.51 -16.09
N GLY A 325 4.88 6.68 -15.59
CA GLY A 325 5.54 6.74 -14.30
C GLY A 325 5.61 8.14 -13.73
N ASP A 326 5.74 8.22 -12.42
CA ASP A 326 5.90 9.51 -11.73
C ASP A 326 7.33 9.58 -11.20
N TRP A 327 8.21 10.27 -11.94
CA TRP A 327 9.62 10.35 -11.62
C TRP A 327 9.82 10.75 -10.17
N THR A 328 8.98 11.68 -9.70
CA THR A 328 9.15 12.22 -8.34
C THR A 328 8.92 11.19 -7.25
N TRP A 329 8.16 10.14 -7.55
CA TRP A 329 7.95 9.06 -6.58
C TRP A 329 8.83 7.85 -6.86
N LEU A 330 9.23 7.68 -8.11
CA LEU A 330 9.98 6.49 -8.46
C LEU A 330 11.43 6.59 -7.95
N ILE A 331 12.00 7.80 -7.97
CA ILE A 331 13.37 7.92 -7.48
C ILE A 331 13.39 7.60 -5.97
N PRO A 332 14.39 6.81 -5.54
CA PRO A 332 14.43 6.56 -4.09
C PRO A 332 14.95 7.79 -3.36
N PRO A 333 14.60 7.90 -2.07
CA PRO A 333 14.97 9.09 -1.28
C PRO A 333 16.41 9.03 -0.79
N ILE A 334 17.15 7.95 -1.05
CA ILE A 334 18.60 8.08 -0.85
C ILE A 334 19.36 7.59 -2.08
N SER A 335 20.50 8.21 -2.32
CA SER A 335 21.27 7.99 -3.55
C SER A 335 20.47 7.85 -4.84
N PRO A 336 19.50 8.76 -5.10
CA PRO A 336 18.68 8.52 -6.30
C PRO A 336 19.49 8.55 -7.59
N ALA A 337 20.57 9.32 -7.65
CA ALA A 337 21.32 9.39 -8.89
C ALA A 337 22.19 8.16 -9.12
N ALA A 338 22.19 7.24 -8.17
CA ALA A 338 22.86 5.96 -8.37
C ALA A 338 21.92 4.94 -9.06
N THR A 339 20.68 5.34 -9.33
CA THR A 339 19.73 4.47 -10.03
C THR A 339 19.50 5.01 -11.44
N HIS A 340 19.15 4.15 -12.40
CA HIS A 340 18.88 4.62 -13.76
C HIS A 340 17.66 5.55 -13.83
N ILE A 341 16.75 5.40 -12.87
CA ILE A 341 15.48 6.14 -12.86
C ILE A 341 15.76 7.64 -12.89
N PHE A 342 16.71 8.06 -12.08
CA PHE A 342 17.04 9.49 -11.95
C PHE A 342 17.41 10.09 -13.31
N HIS A 343 17.98 9.27 -14.19
CA HIS A 343 18.60 9.81 -15.40
C HIS A 343 17.72 9.72 -16.63
N ARG A 344 16.45 9.35 -16.46
CA ARG A 344 15.53 9.39 -17.58
C ARG A 344 14.24 10.04 -17.14
N SER A 345 13.32 10.27 -18.07
CA SER A 345 12.03 10.87 -17.71
C SER A 345 10.90 9.88 -17.93
N TYR A 346 9.73 10.21 -17.39
CA TYR A 346 8.58 9.30 -17.47
C TYR A 346 7.31 10.08 -17.75
N ASP A 347 6.45 9.51 -18.59
CA ASP A 347 5.15 10.08 -18.88
C ASP A 347 4.21 9.79 -17.72
N ASN A 348 3.75 10.85 -17.04
CA ASN A 348 2.93 10.69 -15.84
C ASN A 348 1.43 10.59 -16.14
N SER A 349 1.06 10.13 -17.33
CA SER A 349 -0.35 10.01 -17.68
C SER A 349 -1.06 8.95 -16.83
N ILE A 350 -2.34 9.19 -16.56
CA ILE A 350 -3.12 8.23 -15.81
C ILE A 350 -3.85 7.29 -16.76
N VAL A 351 -3.59 5.98 -16.60
CA VAL A 351 -4.23 4.93 -17.39
C VAL A 351 -5.06 4.09 -16.42
N LYS A 352 -6.25 3.68 -16.82
CA LYS A 352 -7.07 2.80 -15.97
C LYS A 352 -7.10 1.39 -16.55
N PRO A 353 -7.34 0.35 -15.70
CA PRO A 353 -7.57 0.33 -14.25
C PRO A 353 -6.44 0.95 -13.44
N ASN A 354 -6.74 1.41 -12.23
CA ASN A 354 -5.73 2.02 -11.39
C ASN A 354 -6.21 2.12 -9.94
N TYR A 355 -5.30 2.49 -9.04
CA TYR A 355 -5.64 2.76 -7.65
C TYR A 355 -5.62 4.30 -7.45
N PHE A 356 -6.64 4.82 -6.77
CA PHE A 356 -6.80 6.26 -6.59
C PHE A 356 -6.97 6.62 -5.12
N TYR A 357 -6.56 7.83 -4.77
CA TYR A 357 -6.83 8.37 -3.44
C TYR A 357 -8.33 8.61 -3.33
N GLN A 358 -8.85 8.59 -2.11
CA GLN A 358 -10.24 8.99 -1.86
C GLN A 358 -10.26 9.74 -0.53
N ASP A 359 -11.30 10.55 -0.33
CA ASP A 359 -11.43 11.34 0.89
C ASP A 359 -11.48 10.46 2.13
N LYS A 360 -10.84 10.89 3.20
CA LYS A 360 -10.88 10.17 4.47
C LYS A 360 -12.20 10.46 5.20
N PRO A 361 -12.81 9.42 5.82
CA PRO A 361 -14.07 9.63 6.55
C PRO A 361 -13.89 10.30 7.92
N TYR A 362 -12.66 10.31 8.44
CA TYR A 362 -12.30 11.11 9.60
C TYR A 362 -11.58 12.33 8.99
N GLU A 363 -11.15 13.30 9.79
CA GLU A 363 -10.64 14.57 9.26
C GLU A 363 -11.71 15.39 8.52
#